data_9VVS
#
_entry.id   9VVS
#
_cell.length_a   117.710
_cell.length_b   117.710
_cell.length_c   98.987
_cell.angle_alpha   90.000
_cell.angle_beta   90.000
_cell.angle_gamma   90.000
#
_symmetry.space_group_name_H-M   'P 43 21 2'
#
loop_
_entity.id
_entity.type
_entity.pdbx_description
1 polymer Dehydrogenase
2 non-polymer 'NADPH DIHYDRO-NICOTINAMIDE-ADENINE-DINUCLEOTIDE PHOSPHATE'
3 non-polymer 'SODIUM ION'
4 water water
#
_entity_poly.entity_id   1
_entity_poly.type   'polypeptide(L)'
_entity_poly.pdbx_seq_one_letter_code
;MGSSHHHHHHSSGLVPRGSHMDKRERVTVLGLGRMGAALAGALLAAGHPTTVWNRSAAKAGDLVARGAVLAGTAAEAVRA
SEVVVVCVTDYDVAGDLLGPLAGELAGRALINLTSGSPEQARRSADWAAEHGIDYLDGTIMTQPQGIGQPGSVLLLSGSA
EVHSGRKALIELWGDGDYLGADAGLSALYDLALLGVMWSTIASFLHGAALLGTEDVTAQQFLPKVERWLGAVASFLPGIA
AQADSGDYATDHGGLDINVAGLDLLARVSRAQGIGTDVPAALHELYARRLAQGSANDGLASLIDTIRRG
;
_entity_poly.pdbx_strand_id   B,A
#
# COMPACT_ATOMS: atom_id res chain seq x y z
N GLU A 25 12.84 -6.17 -37.74
CA GLU A 25 11.65 -5.64 -38.47
C GLU A 25 11.60 -4.11 -38.40
N ARG A 26 11.20 -3.49 -39.52
CA ARG A 26 11.24 -2.04 -39.66
C ARG A 26 10.08 -1.45 -38.86
N VAL A 27 10.40 -0.46 -38.01
CA VAL A 27 9.47 0.10 -37.01
C VAL A 27 9.59 1.64 -36.98
N THR A 28 8.44 2.33 -36.79
CA THR A 28 8.40 3.79 -36.70
C THR A 28 7.92 4.26 -35.33
N VAL A 29 8.50 5.35 -34.83
CA VAL A 29 8.07 5.95 -33.58
C VAL A 29 7.73 7.42 -33.81
N LEU A 30 6.46 7.77 -33.59
CA LEU A 30 6.01 9.15 -33.62
C LEU A 30 6.02 9.73 -32.20
N GLY A 31 6.77 10.82 -32.03
CA GLY A 31 6.92 11.50 -30.77
C GLY A 31 8.24 11.09 -30.13
N LEU A 32 9.12 12.07 -29.88
CA LEU A 32 10.44 11.81 -29.34
C LEU A 32 10.70 12.72 -28.14
N GLY A 33 9.69 12.85 -27.26
CA GLY A 33 9.88 13.45 -25.95
C GLY A 33 10.65 12.51 -25.05
N ARG A 34 10.59 12.71 -23.74
CA ARG A 34 11.52 11.96 -22.92
C ARG A 34 11.22 10.47 -23.08
N MET A 35 9.94 10.09 -23.18
CA MET A 35 9.54 8.68 -23.15
C MET A 35 9.60 8.09 -24.55
N GLY A 36 9.23 8.87 -25.56
CA GLY A 36 9.28 8.43 -26.95
C GLY A 36 10.72 8.17 -27.39
N ALA A 37 11.63 9.07 -27.03
CA ALA A 37 13.05 8.84 -27.25
C ALA A 37 13.49 7.53 -26.59
N ALA A 38 13.01 7.25 -25.37
CA ALA A 38 13.43 6.05 -24.67
C ALA A 38 12.91 4.78 -25.38
N LEU A 39 11.67 4.83 -25.90
CA LEU A 39 11.08 3.71 -26.62
C LEU A 39 11.84 3.40 -27.91
N ALA A 40 12.33 4.44 -28.58
CA ALA A 40 13.03 4.25 -29.84
C ALA A 40 14.45 3.78 -29.55
N GLY A 41 15.12 4.42 -28.59
CA GLY A 41 16.45 4.02 -28.17
C GLY A 41 16.57 2.51 -27.97
N ALA A 42 15.56 1.91 -27.32
CA ALA A 42 15.54 0.49 -27.02
C ALA A 42 15.33 -0.36 -28.29
N LEU A 43 14.46 0.06 -29.21
CA LEU A 43 14.33 -0.60 -30.51
C LEU A 43 15.65 -0.58 -31.27
N LEU A 44 16.44 0.49 -31.10
CA LEU A 44 17.64 0.68 -31.88
C LEU A 44 18.80 -0.16 -31.33
N ALA A 45 18.96 -0.19 -30.00
CA ALA A 45 20.04 -0.93 -29.37
C ALA A 45 19.89 -2.44 -29.58
N ALA A 46 18.69 -2.90 -29.96
CA ALA A 46 18.48 -4.28 -30.36
C ALA A 46 18.59 -4.45 -31.87
N GLY A 47 18.90 -3.36 -32.58
CA GLY A 47 19.18 -3.42 -34.01
C GLY A 47 17.92 -3.56 -34.87
N HIS A 48 16.79 -2.98 -34.43
CA HIS A 48 15.68 -2.74 -35.34
C HIS A 48 16.03 -1.56 -36.27
N PRO A 49 15.60 -1.58 -37.56
CA PRO A 49 15.59 -0.35 -38.38
C PRO A 49 14.49 0.62 -37.92
N THR A 50 14.94 1.69 -37.23
CA THR A 50 14.07 2.60 -36.52
C THR A 50 14.01 3.93 -37.24
N THR A 51 12.89 4.14 -37.95
CA THR A 51 12.47 5.44 -38.43
C THR A 51 11.76 6.20 -37.32
N VAL A 52 12.05 7.52 -37.20
CA VAL A 52 11.49 8.35 -36.15
C VAL A 52 10.89 9.63 -36.76
N TRP A 53 9.93 10.24 -36.04
CA TRP A 53 9.48 11.58 -36.38
C TRP A 53 9.06 12.34 -35.13
N ASN A 54 9.54 13.59 -35.03
CA ASN A 54 9.09 14.51 -34.00
C ASN A 54 8.88 15.89 -34.61
N ARG A 55 7.88 16.63 -34.11
CA ARG A 55 7.63 18.00 -34.51
C ARG A 55 8.90 18.86 -34.37
N SER A 56 9.52 18.83 -33.20
CA SER A 56 10.82 19.42 -32.96
C SER A 56 11.90 18.43 -33.38
N ALA A 57 12.39 18.56 -34.61
CA ALA A 57 13.35 17.62 -35.17
C ALA A 57 14.62 17.55 -34.32
N ALA A 58 15.00 18.68 -33.71
CA ALA A 58 16.18 18.79 -32.86
C ALA A 58 16.37 17.56 -31.96
N LYS A 59 15.26 17.02 -31.42
CA LYS A 59 15.32 16.01 -30.39
C LYS A 59 15.74 14.64 -30.95
N ALA A 60 15.79 14.47 -32.28
CA ALA A 60 16.18 13.19 -32.87
C ALA A 60 17.69 13.13 -33.14
N GLY A 61 18.47 14.04 -32.55
CA GLY A 61 19.88 14.19 -32.88
C GLY A 61 20.73 13.04 -32.34
N ASP A 62 20.64 12.84 -31.02
CA ASP A 62 21.29 11.73 -30.37
C ASP A 62 20.86 10.42 -31.04
N LEU A 63 19.56 10.26 -31.32
CA LEU A 63 19.05 9.00 -31.86
C LEU A 63 19.54 8.73 -33.29
N VAL A 64 19.64 9.80 -34.09
CA VAL A 64 20.03 9.65 -35.48
C VAL A 64 21.53 9.41 -35.53
N ALA A 65 22.24 9.87 -34.49
CA ALA A 65 23.65 9.55 -34.28
C ALA A 65 23.85 8.03 -34.14
N ARG A 66 23.04 7.39 -33.28
CA ARG A 66 23.18 5.97 -32.96
C ARG A 66 22.55 5.12 -34.05
N GLY A 67 21.79 5.76 -34.94
CA GLY A 67 21.52 5.21 -36.26
C GLY A 67 20.05 5.22 -36.69
N ALA A 68 19.21 6.06 -36.05
CA ALA A 68 17.83 6.16 -36.49
C ALA A 68 17.77 6.92 -37.81
N VAL A 69 16.68 6.70 -38.57
CA VAL A 69 16.39 7.51 -39.75
C VAL A 69 15.25 8.47 -39.40
N LEU A 70 15.51 9.78 -39.54
CA LEU A 70 14.50 10.78 -39.25
C LEU A 70 13.77 11.17 -40.53
N ALA A 71 12.46 10.90 -40.58
CA ALA A 71 11.59 11.35 -41.65
C ALA A 71 11.48 12.88 -41.65
N GLY A 72 11.18 13.45 -42.83
CA GLY A 72 10.93 14.88 -42.95
C GLY A 72 9.56 15.26 -42.39
N THR A 73 8.56 14.42 -42.69
CA THR A 73 7.18 14.60 -42.25
C THR A 73 6.71 13.36 -41.48
N ALA A 74 5.51 13.43 -40.89
CA ALA A 74 4.94 12.27 -40.22
C ALA A 74 4.48 11.24 -41.25
N ALA A 75 3.84 11.71 -42.33
CA ALA A 75 3.37 10.81 -43.39
C ALA A 75 4.56 9.99 -43.87
N GLU A 76 5.69 10.66 -44.08
CA GLU A 76 6.89 10.00 -44.58
C GLU A 76 7.25 8.84 -43.65
N ALA A 77 7.30 9.15 -42.35
CA ALA A 77 7.67 8.20 -41.30
C ALA A 77 6.73 7.00 -41.30
N VAL A 78 5.43 7.27 -41.37
CA VAL A 78 4.43 6.23 -41.35
C VAL A 78 4.69 5.23 -42.48
N ARG A 79 5.04 5.76 -43.66
CA ARG A 79 5.19 4.93 -44.86
C ARG A 79 6.41 4.02 -44.72
N ALA A 80 7.37 4.38 -43.86
CA ALA A 80 8.63 3.65 -43.75
C ALA A 80 8.50 2.29 -43.04
N SER A 81 7.40 2.02 -42.30
CA SER A 81 7.30 0.86 -41.42
C SER A 81 5.89 0.27 -41.40
N GLU A 82 5.77 -1.02 -41.04
CA GLU A 82 4.49 -1.71 -40.89
C GLU A 82 4.00 -1.64 -39.43
N VAL A 83 4.89 -1.20 -38.53
CA VAL A 83 4.54 -0.94 -37.13
C VAL A 83 4.75 0.54 -36.82
N VAL A 84 3.72 1.19 -36.27
CA VAL A 84 3.86 2.57 -35.82
C VAL A 84 3.48 2.67 -34.35
N VAL A 85 4.45 3.15 -33.58
CA VAL A 85 4.31 3.41 -32.16
C VAL A 85 4.13 4.91 -31.98
N VAL A 86 3.14 5.33 -31.19
CA VAL A 86 3.00 6.76 -30.95
C VAL A 86 3.04 7.07 -29.46
N CYS A 87 3.82 8.11 -29.11
CA CYS A 87 3.96 8.50 -27.72
C CYS A 87 4.16 10.02 -27.65
N VAL A 88 3.06 10.72 -27.36
CA VAL A 88 3.00 12.17 -27.28
C VAL A 88 2.24 12.56 -26.02
N THR A 89 2.00 13.86 -25.84
CA THR A 89 1.54 14.39 -24.58
C THR A 89 0.17 13.80 -24.22
N ASP A 90 -0.75 13.76 -25.18
CA ASP A 90 -2.13 13.37 -24.90
C ASP A 90 -2.89 13.06 -26.20
N TYR A 91 -4.13 12.55 -26.06
CA TYR A 91 -4.88 11.98 -27.17
C TYR A 91 -5.43 13.10 -28.08
N ASP A 92 -5.62 14.32 -27.55
CA ASP A 92 -6.01 15.43 -28.41
C ASP A 92 -4.89 15.70 -29.42
N VAL A 93 -3.63 15.61 -28.97
CA VAL A 93 -2.47 15.78 -29.82
C VAL A 93 -2.33 14.60 -30.79
N ALA A 94 -2.42 13.38 -30.25
CA ALA A 94 -2.47 12.15 -31.02
C ALA A 94 -3.51 12.23 -32.13
N GLY A 95 -4.75 12.59 -31.78
CA GLY A 95 -5.83 12.76 -32.74
C GLY A 95 -5.48 13.75 -33.85
N ASP A 96 -4.97 14.93 -33.47
CA ASP A 96 -4.61 15.99 -34.41
C ASP A 96 -3.53 15.49 -35.36
N LEU A 97 -2.69 14.55 -34.91
CA LEU A 97 -1.51 14.10 -35.63
C LEU A 97 -1.80 12.89 -36.52
N LEU A 98 -2.61 11.95 -36.03
CA LEU A 98 -2.92 10.73 -36.75
C LEU A 98 -4.08 10.90 -37.74
N GLY A 99 -4.99 11.85 -37.46
CA GLY A 99 -6.21 12.00 -38.25
C GLY A 99 -5.90 12.22 -39.74
N PRO A 100 -5.02 13.19 -40.05
CA PRO A 100 -4.47 13.33 -41.40
C PRO A 100 -3.73 12.14 -42.00
N LEU A 101 -3.22 11.21 -41.18
CA LEU A 101 -2.41 10.12 -41.72
C LEU A 101 -3.24 8.83 -41.80
N ALA A 102 -4.55 8.93 -41.55
CA ALA A 102 -5.48 7.81 -41.59
C ALA A 102 -5.31 6.98 -42.87
N GLY A 103 -5.19 7.66 -44.02
CA GLY A 103 -5.04 6.99 -45.29
C GLY A 103 -3.69 6.29 -45.40
N GLU A 104 -2.65 6.95 -44.86
CA GLU A 104 -1.30 6.43 -44.93
C GLU A 104 -1.11 5.26 -43.95
N LEU A 105 -1.99 5.17 -42.93
CA LEU A 105 -1.88 4.23 -41.82
C LEU A 105 -2.72 2.97 -42.07
N ALA A 106 -3.54 3.00 -43.10
CA ALA A 106 -4.37 1.85 -43.47
C ALA A 106 -3.49 0.63 -43.74
N GLY A 107 -3.86 -0.50 -43.10
CA GLY A 107 -3.19 -1.79 -43.30
C GLY A 107 -1.95 -1.97 -42.44
N ARG A 108 -1.57 -0.94 -41.65
CA ARG A 108 -0.37 -1.01 -40.81
C ARG A 108 -0.79 -1.30 -39.38
N ALA A 109 0.19 -1.57 -38.53
CA ALA A 109 -0.10 -1.82 -37.14
C ALA A 109 0.21 -0.57 -36.33
N LEU A 110 -0.72 -0.13 -35.47
CA LEU A 110 -0.52 1.05 -34.66
C LEU A 110 -0.52 0.73 -33.16
N ILE A 111 0.57 1.09 -32.48
CA ILE A 111 0.71 0.88 -31.05
C ILE A 111 0.77 2.24 -30.35
N ASN A 112 -0.32 2.62 -29.66
CA ASN A 112 -0.42 3.93 -29.03
C ASN A 112 -0.10 3.85 -27.53
N LEU A 113 1.10 4.32 -27.14
CA LEU A 113 1.54 4.32 -25.75
C LEU A 113 1.44 5.72 -25.15
N THR A 114 0.55 6.55 -25.70
CA THR A 114 0.13 7.77 -25.04
C THR A 114 -0.73 7.39 -23.84
N SER A 115 -0.62 8.20 -22.78
CA SER A 115 -1.44 8.05 -21.58
C SER A 115 -2.69 8.93 -21.68
N GLY A 116 -3.85 8.31 -21.47
CA GLY A 116 -5.12 9.03 -21.44
C GLY A 116 -6.23 8.22 -20.78
N SER A 117 -7.48 8.54 -21.10
CA SER A 117 -8.61 7.91 -20.43
C SER A 117 -9.01 6.63 -21.16
N PRO A 118 -9.75 5.70 -20.51
CA PRO A 118 -10.39 4.60 -21.23
C PRO A 118 -11.20 5.07 -22.43
N GLU A 119 -12.03 6.10 -22.27
CA GLU A 119 -12.87 6.54 -23.38
C GLU A 119 -12.02 6.95 -24.58
N GLN A 120 -10.92 7.71 -24.38
CA GLN A 120 -10.10 8.19 -25.47
C GLN A 120 -9.47 7.03 -26.24
N ALA A 121 -9.12 5.97 -25.51
CA ALA A 121 -8.48 4.81 -26.11
C ALA A 121 -9.51 4.03 -26.92
N ARG A 122 -10.75 3.97 -26.41
CA ARG A 122 -11.83 3.28 -27.10
C ARG A 122 -12.14 4.03 -28.40
N ARG A 123 -12.26 5.36 -28.31
CA ARG A 123 -12.46 6.19 -29.49
C ARG A 123 -11.35 5.93 -30.50
N SER A 124 -10.10 6.04 -30.06
CA SER A 124 -8.99 5.76 -30.97
C SER A 124 -9.23 4.45 -31.70
N ALA A 125 -9.50 3.37 -30.96
CA ALA A 125 -9.67 2.03 -31.53
C ALA A 125 -10.82 2.00 -32.55
N ASP A 126 -11.99 2.56 -32.19
CA ASP A 126 -13.08 2.78 -33.14
C ASP A 126 -12.54 3.45 -34.41
N TRP A 127 -11.96 4.65 -34.25
CA TRP A 127 -11.36 5.37 -35.36
C TRP A 127 -10.49 4.43 -36.18
N ALA A 128 -9.66 3.63 -35.50
CA ALA A 128 -8.67 2.77 -36.14
C ALA A 128 -9.35 1.62 -36.89
N ALA A 129 -10.53 1.18 -36.42
CA ALA A 129 -11.27 0.08 -37.02
C ALA A 129 -11.83 0.49 -38.38
N GLU A 130 -12.42 1.69 -38.44
CA GLU A 130 -13.08 2.18 -39.65
C GLU A 130 -12.06 2.49 -40.75
N HIS A 131 -10.79 2.67 -40.39
CA HIS A 131 -9.78 3.01 -41.39
C HIS A 131 -8.86 1.81 -41.65
N GLY A 132 -9.29 0.62 -41.21
CA GLY A 132 -8.56 -0.62 -41.41
C GLY A 132 -7.11 -0.54 -40.90
N ILE A 133 -7.00 -0.12 -39.63
CA ILE A 133 -5.76 0.06 -38.89
C ILE A 133 -5.80 -0.86 -37.68
N ASP A 134 -4.83 -1.80 -37.57
CA ASP A 134 -4.73 -2.65 -36.40
C ASP A 134 -4.20 -1.79 -35.26
N TYR A 135 -4.84 -1.91 -34.09
CA TYR A 135 -4.67 -0.91 -33.06
C TYR A 135 -4.46 -1.58 -31.70
N LEU A 136 -3.30 -1.32 -31.09
CA LEU A 136 -3.03 -1.76 -29.73
C LEU A 136 -2.78 -0.53 -28.84
N ASP A 137 -3.63 -0.31 -27.83
CA ASP A 137 -3.41 0.74 -26.83
C ASP A 137 -2.57 0.19 -25.68
N GLY A 138 -1.66 1.03 -25.19
CA GLY A 138 -0.81 0.67 -24.07
C GLY A 138 -0.62 1.84 -23.11
N THR A 139 -0.19 1.49 -21.89
CA THR A 139 0.11 2.43 -20.83
C THR A 139 1.34 1.97 -20.07
N ILE A 140 2.35 2.83 -20.04
CA ILE A 140 3.68 2.53 -19.52
C ILE A 140 3.67 2.82 -18.03
N MET A 141 4.26 1.90 -17.24
CA MET A 141 4.19 2.04 -15.79
C MET A 141 5.61 2.16 -15.24
N THR A 142 6.42 2.98 -15.91
CA THR A 142 7.76 3.27 -15.46
C THR A 142 8.20 4.62 -16.04
N GLN A 143 9.33 5.12 -15.56
CA GLN A 143 9.92 6.36 -16.06
C GLN A 143 10.82 6.00 -17.25
N PRO A 144 11.14 6.95 -18.17
CA PRO A 144 11.94 6.65 -19.37
C PRO A 144 13.27 5.91 -19.15
N GLN A 145 14.01 6.32 -18.13
CA GLN A 145 15.22 5.64 -17.71
C GLN A 145 14.92 4.20 -17.27
N GLY A 146 13.65 3.86 -17.03
CA GLY A 146 13.25 2.50 -16.70
C GLY A 146 12.87 1.62 -17.90
N ILE A 147 12.91 2.16 -19.12
CA ILE A 147 12.55 1.39 -20.32
C ILE A 147 13.72 0.46 -20.65
N GLY A 148 13.39 -0.80 -20.99
CA GLY A 148 14.38 -1.83 -21.23
C GLY A 148 14.96 -2.42 -19.94
N GLN A 149 14.64 -1.82 -18.79
CA GLN A 149 15.11 -2.33 -17.50
C GLN A 149 14.17 -3.41 -16.98
N PRO A 150 14.71 -4.36 -16.17
CA PRO A 150 13.89 -5.39 -15.52
C PRO A 150 12.94 -4.76 -14.51
N GLY A 151 11.68 -5.21 -14.51
CA GLY A 151 10.69 -4.62 -13.63
C GLY A 151 9.83 -3.55 -14.31
N SER A 152 10.24 -3.12 -15.50
CA SER A 152 9.36 -2.31 -16.34
C SER A 152 8.14 -3.11 -16.78
N VAL A 153 6.98 -2.45 -16.74
CA VAL A 153 5.72 -3.09 -17.08
C VAL A 153 4.91 -2.16 -17.98
N LEU A 154 4.36 -2.73 -19.05
CA LEU A 154 3.46 -2.03 -19.94
C LEU A 154 2.17 -2.82 -19.99
N LEU A 155 1.07 -2.16 -19.67
CA LEU A 155 -0.24 -2.76 -19.82
C LEU A 155 -0.68 -2.54 -21.28
N LEU A 156 -1.41 -3.50 -21.85
CA LEU A 156 -1.72 -3.49 -23.27
C LEU A 156 -3.16 -3.98 -23.48
N SER A 157 -3.83 -3.39 -24.46
CA SER A 157 -5.19 -3.76 -24.78
C SER A 157 -5.54 -3.34 -26.21
N GLY A 158 -6.56 -4.00 -26.76
CA GLY A 158 -6.94 -3.87 -28.16
C GLY A 158 -6.60 -5.13 -28.94
N SER A 159 -5.87 -4.98 -30.05
CA SER A 159 -5.63 -6.06 -30.98
C SER A 159 -4.63 -7.07 -30.41
N ALA A 160 -5.10 -8.30 -30.18
CA ALA A 160 -4.27 -9.44 -29.82
C ALA A 160 -3.30 -9.79 -30.93
N GLU A 161 -3.79 -9.69 -32.16
CA GLU A 161 -2.97 -9.98 -33.31
C GLU A 161 -1.75 -9.06 -33.35
N VAL A 162 -1.92 -7.79 -32.97
CA VAL A 162 -0.78 -6.90 -32.95
C VAL A 162 0.15 -7.29 -31.80
N HIS A 163 -0.39 -7.77 -30.68
CA HIS A 163 0.40 -8.06 -29.49
C HIS A 163 1.35 -9.24 -29.70
N SER A 164 0.79 -10.41 -30.03
CA SER A 164 1.56 -11.50 -30.59
C SER A 164 1.85 -11.12 -32.03
N GLY A 165 3.10 -11.27 -32.45
CA GLY A 165 3.49 -10.71 -33.74
C GLY A 165 4.48 -9.58 -33.54
N ARG A 166 4.19 -8.70 -32.56
CA ARG A 166 5.12 -7.68 -32.09
C ARG A 166 5.53 -7.94 -30.64
N LYS A 167 5.25 -9.14 -30.10
CA LYS A 167 5.56 -9.41 -28.70
C LYS A 167 7.07 -9.25 -28.49
N ALA A 168 7.89 -9.70 -29.45
CA ALA A 168 9.33 -9.58 -29.31
C ALA A 168 9.72 -8.10 -29.16
N LEU A 169 9.12 -7.27 -30.01
CA LEU A 169 9.44 -5.86 -30.06
C LEU A 169 9.05 -5.20 -28.75
N ILE A 170 7.80 -5.46 -28.32
CA ILE A 170 7.24 -4.86 -27.12
C ILE A 170 8.10 -5.21 -25.92
N GLU A 171 8.59 -6.45 -25.88
CA GLU A 171 9.33 -6.95 -24.73
C GLU A 171 10.68 -6.24 -24.55
N LEU A 172 11.13 -5.47 -25.55
CA LEU A 172 12.35 -4.68 -25.44
C LEU A 172 12.18 -3.50 -24.49
N TRP A 173 10.92 -3.12 -24.20
CA TRP A 173 10.61 -1.99 -23.33
C TRP A 173 10.31 -2.44 -21.91
N GLY A 174 9.83 -3.69 -21.75
CA GLY A 174 9.54 -4.25 -20.45
C GLY A 174 8.63 -5.47 -20.54
N ASP A 175 7.97 -5.81 -19.43
CA ASP A 175 7.04 -6.92 -19.47
C ASP A 175 5.73 -6.38 -20.03
N GLY A 176 5.29 -6.95 -21.16
CA GLY A 176 4.05 -6.56 -21.80
C GLY A 176 2.89 -7.44 -21.34
N ASP A 177 1.98 -6.87 -20.56
CA ASP A 177 0.80 -7.58 -20.08
C ASP A 177 -0.43 -7.27 -20.94
N TYR A 178 -0.82 -8.21 -21.80
CA TYR A 178 -1.99 -8.00 -22.63
C TYR A 178 -3.22 -8.34 -21.79
N LEU A 179 -4.18 -7.40 -21.72
CA LEU A 179 -5.24 -7.50 -20.74
C LEU A 179 -6.54 -7.97 -21.38
N GLY A 180 -6.65 -7.85 -22.70
CA GLY A 180 -7.92 -8.08 -23.37
C GLY A 180 -8.10 -7.15 -24.56
N ALA A 181 -9.31 -7.15 -25.14
CA ALA A 181 -9.49 -6.58 -26.47
C ALA A 181 -10.13 -5.18 -26.45
N ASP A 182 -10.86 -4.85 -25.37
CA ASP A 182 -11.36 -3.50 -25.10
C ASP A 182 -10.17 -2.55 -24.90
N ALA A 183 -9.98 -1.60 -25.81
CA ALA A 183 -8.73 -0.85 -25.80
C ALA A 183 -8.66 0.06 -24.59
N GLY A 184 -9.78 0.20 -23.88
CA GLY A 184 -9.85 1.01 -22.68
C GLY A 184 -9.19 0.36 -21.45
N LEU A 185 -8.99 -0.96 -21.47
CA LEU A 185 -8.57 -1.71 -20.29
C LEU A 185 -7.21 -1.23 -19.78
N SER A 186 -6.26 -1.00 -20.69
CA SER A 186 -4.94 -0.57 -20.27
C SER A 186 -5.01 0.67 -19.36
N ALA A 187 -5.72 1.70 -19.81
CA ALA A 187 -5.90 2.95 -19.08
C ALA A 187 -6.61 2.74 -17.73
N LEU A 188 -7.62 1.87 -17.75
CA LEU A 188 -8.44 1.59 -16.59
C LEU A 188 -7.60 0.89 -15.51
N TYR A 189 -6.95 -0.22 -15.88
CA TYR A 189 -6.06 -0.96 -14.99
C TYR A 189 -5.00 -0.01 -14.44
N ASP A 190 -4.41 0.77 -15.34
CA ASP A 190 -3.38 1.71 -14.93
C ASP A 190 -3.89 2.62 -13.82
N LEU A 191 -5.02 3.29 -14.06
CA LEU A 191 -5.53 4.26 -13.10
C LEU A 191 -5.86 3.55 -11.79
N ALA A 192 -6.34 2.31 -11.84
CA ALA A 192 -6.60 1.60 -10.59
C ALA A 192 -5.30 1.36 -9.82
N LEU A 193 -4.21 1.02 -10.54
CA LEU A 193 -2.91 0.75 -9.92
C LEU A 193 -2.29 2.03 -9.39
N LEU A 194 -2.39 3.12 -10.15
CA LEU A 194 -1.95 4.43 -9.71
C LEU A 194 -2.63 4.87 -8.41
N GLY A 195 -3.92 4.51 -8.26
CA GLY A 195 -4.67 4.75 -7.04
C GLY A 195 -3.98 4.19 -5.81
N VAL A 196 -3.44 2.97 -5.96
CA VAL A 196 -2.75 2.25 -4.90
C VAL A 196 -1.44 2.97 -4.61
N MET A 197 -0.78 3.44 -5.66
CA MET A 197 0.47 4.17 -5.51
C MET A 197 0.24 5.40 -4.64
N TRP A 198 -0.70 6.25 -5.06
CA TRP A 198 -0.94 7.53 -4.41
C TRP A 198 -1.35 7.32 -2.95
N SER A 199 -2.18 6.29 -2.74
CA SER A 199 -2.69 5.93 -1.42
C SER A 199 -1.54 5.47 -0.51
N THR A 200 -0.72 4.58 -1.05
CA THR A 200 0.35 3.99 -0.29
C THR A 200 1.36 5.07 0.08
N ILE A 201 1.62 6.01 -0.83
CA ILE A 201 2.62 7.05 -0.61
C ILE A 201 2.13 8.05 0.43
N ALA A 202 0.85 8.44 0.35
CA ALA A 202 0.33 9.40 1.31
C ALA A 202 0.38 8.83 2.72
N SER A 203 -0.05 7.56 2.85
CA SER A 203 -0.07 6.88 4.13
C SER A 203 1.35 6.68 4.64
N PHE A 204 2.31 6.48 3.73
CA PHE A 204 3.70 6.44 4.14
C PHE A 204 4.07 7.78 4.78
N LEU A 205 3.66 8.88 4.16
CA LEU A 205 4.20 10.16 4.57
C LEU A 205 3.49 10.64 5.84
N HIS A 206 2.24 10.23 6.01
CA HIS A 206 1.56 10.36 7.28
C HIS A 206 2.24 9.56 8.39
N GLY A 207 2.62 8.30 8.12
CA GLY A 207 3.39 7.57 9.10
C GLY A 207 4.71 8.27 9.49
N ALA A 208 5.42 8.79 8.48
CA ALA A 208 6.69 9.46 8.67
C ALA A 208 6.48 10.77 9.43
N ALA A 209 5.41 11.46 9.10
CA ALA A 209 5.06 12.68 9.80
C ALA A 209 4.93 12.42 11.29
N LEU A 210 4.09 11.43 11.64
CA LEU A 210 3.80 11.06 13.02
C LEU A 210 5.07 10.63 13.76
N LEU A 211 5.85 9.67 13.23
CA LEU A 211 7.06 9.22 13.92
C LEU A 211 8.10 10.34 13.98
N GLY A 212 7.97 11.31 13.07
CA GLY A 212 8.83 12.48 13.08
C GLY A 212 8.68 13.34 14.33
N THR A 213 7.48 13.34 14.93
CA THR A 213 7.26 14.10 16.14
C THR A 213 8.05 13.48 17.28
N GLU A 214 8.62 12.29 17.04
CA GLU A 214 9.43 11.59 18.02
C GLU A 214 10.85 11.38 17.53
N ASP A 215 11.29 12.21 16.59
CA ASP A 215 12.66 12.22 16.12
C ASP A 215 13.03 10.91 15.41
N VAL A 216 12.06 10.18 14.86
CA VAL A 216 12.36 9.10 13.92
C VAL A 216 12.29 9.64 12.51
N THR A 217 13.35 9.43 11.73
CA THR A 217 13.40 9.89 10.34
C THR A 217 12.51 9.02 9.47
N ALA A 218 12.18 9.53 8.28
CA ALA A 218 11.48 8.73 7.27
C ALA A 218 12.30 7.51 6.91
N GLN A 219 13.63 7.61 6.97
CA GLN A 219 14.52 6.56 6.52
C GLN A 219 14.73 5.49 7.58
N GLN A 220 14.63 5.86 8.86
CA GLN A 220 14.53 4.85 9.91
C GLN A 220 13.16 4.18 9.92
N PHE A 221 12.12 4.94 9.54
CA PHE A 221 10.79 4.37 9.42
C PHE A 221 10.74 3.39 8.26
N LEU A 222 11.51 3.68 7.19
CA LEU A 222 11.39 2.99 5.92
C LEU A 222 11.54 1.45 6.05
N PRO A 223 12.61 0.88 6.65
CA PRO A 223 12.70 -0.58 6.79
C PRO A 223 11.47 -1.26 7.40
N LYS A 224 10.81 -0.61 8.38
CA LYS A 224 9.66 -1.19 9.05
C LYS A 224 8.48 -1.32 8.09
N VAL A 225 8.30 -0.27 7.28
CA VAL A 225 7.30 -0.25 6.23
C VAL A 225 7.63 -1.33 5.18
N GLU A 226 8.90 -1.47 4.79
CA GLU A 226 9.26 -2.49 3.84
C GLU A 226 8.82 -3.86 4.37
N ARG A 227 9.25 -4.24 5.59
CA ARG A 227 8.76 -5.46 6.25
C ARG A 227 7.23 -5.50 6.28
N TRP A 228 6.58 -4.43 6.72
CA TRP A 228 5.15 -4.47 6.98
C TRP A 228 4.33 -4.67 5.70
N LEU A 229 4.78 -4.05 4.60
CA LEU A 229 4.16 -4.13 3.28
C LEU A 229 4.15 -5.56 2.75
N GLY A 230 5.20 -6.32 3.06
CA GLY A 230 5.19 -7.76 2.82
C GLY A 230 4.03 -8.46 3.53
N ALA A 231 3.76 -8.10 4.79
CA ALA A 231 2.67 -8.73 5.50
C ALA A 231 1.36 -8.27 4.88
N VAL A 232 1.26 -6.98 4.55
CA VAL A 232 0.02 -6.45 4.00
C VAL A 232 -0.26 -7.16 2.69
N ALA A 233 0.80 -7.38 1.91
CA ALA A 233 0.69 -7.97 0.58
C ALA A 233 0.23 -9.42 0.67
N SER A 234 0.51 -10.07 1.81
CA SER A 234 0.02 -11.42 2.06
C SER A 234 -1.46 -11.43 2.43
N PHE A 235 -2.00 -10.28 2.86
CA PHE A 235 -3.39 -10.18 3.26
C PHE A 235 -4.34 -10.13 2.06
N LEU A 236 -3.86 -9.61 0.92
CA LEU A 236 -4.76 -9.19 -0.16
C LEU A 236 -5.39 -10.38 -0.90
N PRO A 237 -4.73 -11.55 -1.07
CA PRO A 237 -5.41 -12.68 -1.68
C PRO A 237 -6.73 -13.03 -0.99
N GLY A 238 -6.75 -13.06 0.35
CA GLY A 238 -7.96 -13.30 1.12
C GLY A 238 -9.01 -12.20 0.98
N ILE A 239 -8.57 -10.93 1.05
CA ILE A 239 -9.44 -9.79 0.83
C ILE A 239 -10.13 -9.93 -0.55
N ALA A 240 -9.36 -10.30 -1.58
CA ALA A 240 -9.86 -10.38 -2.94
C ALA A 240 -10.93 -11.48 -3.09
N ALA A 241 -10.64 -12.66 -2.52
CA ALA A 241 -11.54 -13.81 -2.54
C ALA A 241 -12.87 -13.42 -1.95
N GLN A 242 -12.85 -12.85 -0.75
CA GLN A 242 -14.07 -12.44 -0.08
C GLN A 242 -14.77 -11.35 -0.89
N ALA A 243 -14.03 -10.37 -1.40
CA ALA A 243 -14.69 -9.29 -2.11
C ALA A 243 -15.50 -9.86 -3.26
N ASP A 244 -14.99 -10.95 -3.86
CA ASP A 244 -15.64 -11.60 -4.97
C ASP A 244 -16.78 -12.53 -4.54
N SER A 245 -16.54 -13.40 -3.55
CA SER A 245 -17.58 -14.34 -3.13
C SER A 245 -18.70 -13.60 -2.40
N GLY A 246 -18.43 -12.36 -1.96
CA GLY A 246 -19.37 -11.62 -1.14
C GLY A 246 -19.47 -12.15 0.29
N ASP A 247 -18.64 -13.16 0.65
CA ASP A 247 -18.61 -13.68 2.01
C ASP A 247 -17.46 -13.05 2.80
N TYR A 248 -17.81 -12.10 3.67
CA TYR A 248 -16.86 -11.17 4.28
C TYR A 248 -16.48 -11.65 5.69
N ALA A 249 -15.51 -12.58 5.79
CA ALA A 249 -15.06 -13.08 7.09
C ALA A 249 -14.19 -12.03 7.77
N THR A 250 -13.85 -12.25 9.05
CA THR A 250 -13.24 -11.18 9.84
C THR A 250 -11.76 -11.45 10.13
N ASP A 251 -10.93 -11.59 9.08
CA ASP A 251 -9.54 -12.02 9.22
C ASP A 251 -8.59 -10.92 9.72
N HIS A 252 -9.13 -9.70 9.88
CA HIS A 252 -8.38 -8.57 10.42
C HIS A 252 -9.18 -7.90 11.54
N GLY A 253 -10.08 -8.67 12.19
CA GLY A 253 -10.71 -8.23 13.43
C GLY A 253 -12.13 -7.75 13.21
N GLY A 254 -12.49 -7.50 11.94
CA GLY A 254 -13.82 -7.00 11.63
C GLY A 254 -13.81 -5.49 11.67
N LEU A 255 -14.82 -4.91 11.01
CA LEU A 255 -14.91 -3.47 10.80
C LEU A 255 -14.87 -2.72 12.14
N ASP A 256 -15.60 -3.20 13.15
CA ASP A 256 -15.75 -2.46 14.39
C ASP A 256 -14.39 -2.03 14.93
N ILE A 257 -13.45 -2.97 14.99
CA ILE A 257 -12.17 -2.74 15.64
C ILE A 257 -11.24 -1.95 14.70
N ASN A 258 -11.28 -2.20 13.39
CA ASN A 258 -10.48 -1.42 12.44
C ASN A 258 -10.98 0.01 12.32
N VAL A 259 -12.28 0.25 12.49
CA VAL A 259 -12.80 1.60 12.47
C VAL A 259 -12.26 2.34 13.69
N ALA A 260 -12.38 1.71 14.87
CA ALA A 260 -11.85 2.25 16.12
C ALA A 260 -10.35 2.51 16.05
N GLY A 261 -9.60 1.69 15.29
CA GLY A 261 -8.17 1.90 15.13
C GLY A 261 -7.86 3.18 14.37
N LEU A 262 -8.58 3.35 13.26
CA LEU A 262 -8.47 4.54 12.42
C LEU A 262 -8.77 5.78 13.25
N ASP A 263 -9.76 5.66 14.10
CA ASP A 263 -10.15 6.79 14.90
C ASP A 263 -9.00 7.11 15.85
N LEU A 264 -8.47 6.05 16.44
CA LEU A 264 -7.38 6.23 17.38
C LEU A 264 -6.17 6.75 16.65
N LEU A 265 -5.90 6.29 15.43
CA LEU A 265 -4.81 6.86 14.66
C LEU A 265 -5.01 8.37 14.50
N ALA A 266 -6.22 8.77 14.13
CA ALA A 266 -6.48 10.19 13.90
C ALA A 266 -6.22 10.97 15.19
N ARG A 267 -6.79 10.48 16.31
CA ARG A 267 -6.70 11.15 17.61
C ARG A 267 -5.27 11.21 18.10
N VAL A 268 -4.52 10.12 17.95
CA VAL A 268 -3.13 10.08 18.37
C VAL A 268 -2.28 10.99 17.47
N SER A 269 -2.66 11.11 16.19
CA SER A 269 -1.97 11.97 15.24
C SER A 269 -2.07 13.42 15.68
N ARG A 270 -3.28 13.87 16.04
CA ARG A 270 -3.45 15.23 16.53
C ARG A 270 -2.66 15.42 17.83
N ALA A 271 -2.77 14.44 18.72
CA ALA A 271 -2.15 14.54 20.03
C ALA A 271 -0.64 14.77 19.92
N GLN A 272 0.03 14.04 19.01
CA GLN A 272 1.47 14.17 18.83
C GLN A 272 1.82 15.46 18.08
N GLY A 273 0.87 15.98 17.28
CA GLY A 273 0.97 17.34 16.73
C GLY A 273 1.08 17.43 15.20
N ILE A 274 0.39 16.56 14.46
CA ILE A 274 0.31 16.67 13.01
C ILE A 274 -1.17 16.70 12.65
N GLY A 275 -1.47 16.78 11.34
CA GLY A 275 -2.83 16.81 10.83
C GLY A 275 -3.43 15.40 10.75
N THR A 276 -4.74 15.33 10.47
CA THR A 276 -5.43 14.05 10.49
C THR A 276 -6.10 13.72 9.16
N ASP A 277 -5.64 14.29 8.05
CA ASP A 277 -6.36 14.14 6.80
C ASP A 277 -6.48 12.67 6.41
N VAL A 278 -5.32 11.99 6.31
CA VAL A 278 -5.28 10.62 5.79
C VAL A 278 -6.15 9.72 6.66
N PRO A 279 -5.87 9.59 7.97
CA PRO A 279 -6.71 8.79 8.84
C PRO A 279 -8.18 9.22 8.81
N ALA A 280 -8.42 10.52 8.76
CA ALA A 280 -9.78 11.02 8.77
C ALA A 280 -10.57 10.43 7.59
N ALA A 281 -10.02 10.53 6.37
CA ALA A 281 -10.72 10.12 5.16
C ALA A 281 -10.98 8.62 5.18
N LEU A 282 -10.02 7.85 5.69
CA LEU A 282 -10.14 6.41 5.72
C LEU A 282 -11.21 6.04 6.75
N HIS A 283 -11.21 6.73 7.90
CA HIS A 283 -12.19 6.48 8.94
C HIS A 283 -13.59 6.61 8.36
N GLU A 284 -13.87 7.77 7.76
CA GLU A 284 -15.18 8.08 7.20
C GLU A 284 -15.62 6.94 6.29
N LEU A 285 -14.69 6.39 5.53
CA LEU A 285 -15.01 5.46 4.46
C LEU A 285 -15.30 4.06 5.00
N TYR A 286 -14.45 3.55 5.90
CA TYR A 286 -14.71 2.26 6.52
C TYR A 286 -15.96 2.33 7.39
N ALA A 287 -16.15 3.45 8.11
CA ALA A 287 -17.29 3.65 9.00
C ALA A 287 -18.61 3.42 8.26
N ARG A 288 -18.65 3.86 7.00
CA ARG A 288 -19.85 3.83 6.17
C ARG A 288 -20.32 2.41 5.91
N ARG A 289 -19.36 1.49 5.74
CA ARG A 289 -19.66 0.09 5.49
C ARG A 289 -20.21 -0.58 6.76
N LEU A 290 -19.90 0.00 7.92
CA LEU A 290 -20.44 -0.40 9.22
C LEU A 290 -21.97 -0.24 9.24
N ALA A 291 -22.48 0.70 8.43
CA ALA A 291 -23.89 1.03 8.41
C ALA A 291 -24.68 0.00 7.59
N GLN A 292 -24.17 -0.33 6.41
CA GLN A 292 -24.94 -1.11 5.44
C GLN A 292 -24.83 -2.60 5.74
N GLY A 293 -24.05 -2.96 6.78
CA GLY A 293 -23.84 -4.35 7.15
C GLY A 293 -23.78 -4.56 8.67
N SER A 294 -22.85 -5.42 9.13
CA SER A 294 -22.76 -5.83 10.52
C SER A 294 -21.41 -5.43 11.12
N ALA A 295 -21.29 -5.62 12.45
CA ALA A 295 -20.09 -5.34 13.23
C ALA A 295 -18.98 -6.33 12.85
N ASN A 296 -19.41 -7.54 12.47
CA ASN A 296 -18.50 -8.63 12.15
C ASN A 296 -18.53 -8.87 10.64
N ASP A 297 -18.38 -7.75 9.90
CA ASP A 297 -17.99 -7.76 8.51
C ASP A 297 -16.49 -7.49 8.40
N GLY A 298 -15.81 -8.26 7.54
CA GLY A 298 -14.43 -7.99 7.24
C GLY A 298 -14.27 -6.69 6.45
N LEU A 299 -13.01 -6.29 6.28
CA LEU A 299 -12.69 -5.12 5.48
C LEU A 299 -13.13 -5.30 4.03
N ALA A 300 -13.08 -6.54 3.54
CA ALA A 300 -13.38 -6.87 2.15
C ALA A 300 -14.75 -6.32 1.75
N SER A 301 -15.63 -6.16 2.74
CA SER A 301 -16.97 -5.64 2.56
C SER A 301 -16.97 -4.19 2.05
N LEU A 302 -15.80 -3.56 2.04
CA LEU A 302 -15.70 -2.16 1.68
C LEU A 302 -15.89 -1.92 0.20
N ILE A 303 -15.71 -2.96 -0.62
CA ILE A 303 -15.91 -2.86 -2.06
C ILE A 303 -17.37 -2.54 -2.33
N ASP A 304 -18.25 -3.16 -1.54
CA ASP A 304 -19.67 -3.03 -1.72
C ASP A 304 -20.09 -1.57 -1.53
N THR A 305 -19.50 -0.91 -0.53
CA THR A 305 -19.72 0.50 -0.26
C THR A 305 -19.28 1.39 -1.43
N ILE A 306 -18.17 1.07 -2.11
CA ILE A 306 -17.65 1.92 -3.17
C ILE A 306 -18.46 1.72 -4.46
N ARG A 307 -19.04 0.54 -4.67
CA ARG A 307 -19.79 0.26 -5.88
C ARG A 307 -21.01 1.18 -6.03
N ARG A 308 -21.49 1.78 -4.94
CA ARG A 308 -22.69 2.60 -5.01
C ARG A 308 -22.29 4.06 -5.06
N GLY A 309 -22.40 4.67 -6.25
CA GLY A 309 -21.68 5.90 -6.61
C GLY A 309 -21.87 7.11 -5.69
N LYS B 23 16.40 -23.30 29.45
CA LYS B 23 15.40 -22.98 30.52
C LYS B 23 14.07 -22.46 29.96
N ARG B 24 12.96 -23.18 30.27
CA ARG B 24 11.62 -22.68 30.00
C ARG B 24 10.97 -22.24 31.30
N GLU B 25 11.16 -20.97 31.69
CA GLU B 25 10.78 -20.46 33.01
C GLU B 25 9.27 -20.21 33.08
N ARG B 26 8.78 -20.06 34.31
CA ARG B 26 7.36 -19.98 34.60
C ARG B 26 6.84 -18.62 34.17
N VAL B 27 5.69 -18.61 33.47
CA VAL B 27 5.06 -17.38 33.02
C VAL B 27 3.61 -17.32 33.48
N THR B 28 3.14 -16.10 33.79
CA THR B 28 1.75 -15.82 34.07
C THR B 28 1.13 -15.04 32.90
N VAL B 29 -0.11 -15.39 32.54
CA VAL B 29 -0.91 -14.58 31.64
C VAL B 29 -2.19 -14.12 32.36
N LEU B 30 -2.43 -12.81 32.35
CA LEU B 30 -3.66 -12.24 32.90
C LEU B 30 -4.56 -11.79 31.77
N GLY B 31 -5.75 -12.38 31.67
CA GLY B 31 -6.72 -11.98 30.65
C GLY B 31 -6.70 -12.99 29.50
N LEU B 32 -7.83 -13.64 29.27
CA LEU B 32 -7.89 -14.81 28.42
C LEU B 32 -9.05 -14.68 27.46
N GLY B 33 -9.23 -13.48 26.90
CA GLY B 33 -9.94 -13.38 25.63
C GLY B 33 -9.11 -14.07 24.56
N ARG B 34 -9.56 -13.94 23.32
CA ARG B 34 -8.94 -14.70 22.23
C ARG B 34 -7.44 -14.43 22.20
N MET B 35 -7.00 -13.17 22.32
CA MET B 35 -5.58 -12.88 22.14
C MET B 35 -4.78 -13.40 23.34
N GLY B 36 -5.23 -13.09 24.57
CA GLY B 36 -4.59 -13.59 25.78
C GLY B 36 -4.50 -15.12 25.82
N ALA B 37 -5.54 -15.79 25.34
CA ALA B 37 -5.55 -17.25 25.29
C ALA B 37 -4.52 -17.80 24.29
N ALA B 38 -4.37 -17.10 23.17
CA ALA B 38 -3.42 -17.51 22.15
C ALA B 38 -1.98 -17.37 22.66
N LEU B 39 -1.69 -16.27 23.36
CA LEU B 39 -0.39 -16.07 23.98
C LEU B 39 -0.03 -17.24 24.90
N ALA B 40 -0.97 -17.60 25.77
CA ALA B 40 -0.79 -18.63 26.79
C ALA B 40 -0.54 -19.98 26.14
N GLY B 41 -1.32 -20.31 25.10
CA GLY B 41 -1.17 -21.56 24.38
C GLY B 41 0.21 -21.74 23.73
N ALA B 42 0.78 -20.65 23.21
CA ALA B 42 2.12 -20.71 22.65
C ALA B 42 3.18 -20.97 23.73
N LEU B 43 2.95 -20.42 24.93
CA LEU B 43 3.86 -20.63 26.03
C LEU B 43 3.89 -22.11 26.42
N LEU B 44 2.68 -22.67 26.57
CA LEU B 44 2.53 -24.06 26.93
C LEU B 44 3.22 -24.93 25.90
N ALA B 45 3.12 -24.49 24.64
CA ALA B 45 3.53 -25.30 23.52
C ALA B 45 5.05 -25.23 23.35
N ALA B 46 5.69 -24.28 24.04
CA ALA B 46 7.14 -24.23 24.11
C ALA B 46 7.64 -24.69 25.48
N GLY B 47 6.78 -25.37 26.25
CA GLY B 47 7.19 -26.03 27.48
C GLY B 47 7.24 -25.10 28.70
N HIS B 48 6.72 -23.88 28.60
CA HIS B 48 6.73 -23.00 29.78
C HIS B 48 5.61 -23.43 30.71
N PRO B 49 5.89 -23.56 32.02
CA PRO B 49 4.83 -23.79 33.00
C PRO B 49 4.00 -22.51 33.11
N THR B 50 2.77 -22.59 32.64
CA THR B 50 1.95 -21.41 32.45
C THR B 50 0.83 -21.30 33.49
N THR B 51 0.81 -20.17 34.22
CA THR B 51 -0.27 -19.84 35.14
C THR B 51 -1.12 -18.74 34.52
N VAL B 52 -2.44 -18.92 34.52
CA VAL B 52 -3.34 -17.99 33.88
C VAL B 52 -4.37 -17.52 34.88
N TRP B 53 -4.89 -16.30 34.67
CA TRP B 53 -6.06 -15.83 35.37
C TRP B 53 -7.00 -15.07 34.43
N ASN B 54 -8.31 -15.21 34.67
CA ASN B 54 -9.34 -14.45 33.98
C ASN B 54 -10.44 -14.16 34.98
N ARG B 55 -11.20 -13.09 34.73
CA ARG B 55 -12.21 -12.70 35.70
C ARG B 55 -13.35 -13.71 35.68
N SER B 56 -13.52 -14.39 34.54
CA SER B 56 -14.44 -15.51 34.47
C SER B 56 -13.68 -16.79 34.17
N ALA B 57 -13.86 -17.80 35.01
CA ALA B 57 -12.96 -18.93 35.11
C ALA B 57 -13.08 -19.89 33.91
N ALA B 58 -14.27 -19.99 33.34
CA ALA B 58 -14.54 -21.00 32.35
C ALA B 58 -13.77 -20.74 31.07
N LYS B 59 -13.43 -19.47 30.78
CA LYS B 59 -12.50 -19.13 29.70
C LYS B 59 -11.20 -19.95 29.77
N ALA B 60 -10.76 -20.35 30.96
CA ALA B 60 -9.47 -21.03 31.10
C ALA B 60 -9.58 -22.53 30.88
N GLY B 61 -10.80 -23.04 30.72
CA GLY B 61 -11.07 -24.43 30.43
C GLY B 61 -10.09 -25.08 29.46
N ASP B 62 -10.04 -24.64 28.20
CA ASP B 62 -9.27 -25.35 27.20
C ASP B 62 -7.77 -25.32 27.52
N LEU B 63 -7.28 -24.21 28.09
CA LEU B 63 -5.87 -24.06 28.42
C LEU B 63 -5.45 -24.91 29.61
N VAL B 64 -6.38 -25.15 30.57
CA VAL B 64 -6.13 -26.01 31.71
C VAL B 64 -6.08 -27.47 31.22
N ALA B 65 -6.92 -27.82 30.26
CA ALA B 65 -6.84 -29.15 29.66
C ALA B 65 -5.50 -29.32 28.93
N ARG B 66 -4.93 -28.21 28.45
CA ARG B 66 -3.64 -28.22 27.78
C ARG B 66 -2.49 -27.96 28.76
N GLY B 67 -2.82 -27.84 30.05
CA GLY B 67 -1.85 -27.96 31.12
C GLY B 67 -1.51 -26.63 31.76
N ALA B 68 -2.28 -25.60 31.43
CA ALA B 68 -2.21 -24.35 32.17
C ALA B 68 -2.73 -24.62 33.58
N VAL B 69 -2.20 -23.86 34.50
CA VAL B 69 -2.68 -23.79 35.87
C VAL B 69 -3.51 -22.52 35.97
N LEU B 70 -4.79 -22.68 36.33
CA LEU B 70 -5.68 -21.53 36.54
C LEU B 70 -5.66 -21.14 38.01
N ALA B 71 -5.23 -19.91 38.29
CA ALA B 71 -5.11 -19.44 39.68
C ALA B 71 -6.45 -18.91 40.19
N GLY B 72 -6.63 -18.96 41.52
CA GLY B 72 -7.84 -18.49 42.17
C GLY B 72 -8.06 -16.99 41.98
N THR B 73 -6.97 -16.22 41.97
CA THR B 73 -7.04 -14.77 41.90
C THR B 73 -5.86 -14.24 41.09
N ALA B 74 -6.01 -12.98 40.65
CA ALA B 74 -4.95 -12.26 39.97
C ALA B 74 -3.68 -12.23 40.82
N ALA B 75 -3.82 -11.91 42.11
CA ALA B 75 -2.68 -11.89 43.02
C ALA B 75 -1.98 -13.25 43.03
N GLU B 76 -2.73 -14.36 43.04
CA GLU B 76 -2.09 -15.66 43.10
C GLU B 76 -1.29 -15.90 41.83
N ALA B 77 -1.93 -15.60 40.68
CA ALA B 77 -1.29 -15.71 39.37
C ALA B 77 0.02 -14.94 39.33
N VAL B 78 0.04 -13.71 39.85
CA VAL B 78 1.20 -12.84 39.74
C VAL B 78 2.35 -13.38 40.57
N ARG B 79 2.02 -14.04 41.69
CA ARG B 79 3.03 -14.57 42.57
C ARG B 79 3.64 -15.87 42.03
N ALA B 80 3.01 -16.49 41.04
CA ALA B 80 3.49 -17.78 40.53
C ALA B 80 4.75 -17.63 39.66
N SER B 81 4.92 -16.45 39.03
CA SER B 81 5.85 -16.33 37.92
C SER B 81 6.62 -15.03 38.07
N GLU B 82 7.79 -14.97 37.44
CA GLU B 82 8.61 -13.78 37.55
C GLU B 82 8.42 -12.88 36.34
N VAL B 83 7.72 -13.39 35.33
CA VAL B 83 7.30 -12.57 34.22
C VAL B 83 5.79 -12.68 34.10
N VAL B 84 5.16 -11.52 33.95
CA VAL B 84 3.72 -11.40 33.88
C VAL B 84 3.40 -10.74 32.56
N VAL B 85 2.51 -11.37 31.81
CA VAL B 85 2.03 -10.88 30.54
C VAL B 85 0.57 -10.54 30.72
N VAL B 86 0.15 -9.35 30.29
CA VAL B 86 -1.23 -8.96 30.44
C VAL B 86 -1.77 -8.56 29.09
N CYS B 87 -2.94 -9.09 28.76
CA CYS B 87 -3.65 -8.79 27.54
C CYS B 87 -5.15 -8.65 27.81
N VAL B 88 -5.64 -7.41 27.94
CA VAL B 88 -7.05 -7.11 28.23
C VAL B 88 -7.55 -6.11 27.21
N THR B 89 -8.79 -5.64 27.35
CA THR B 89 -9.45 -4.92 26.26
C THR B 89 -8.87 -3.54 26.05
N ASP B 90 -8.46 -2.89 27.16
CA ASP B 90 -7.90 -1.54 27.12
C ASP B 90 -7.13 -1.21 28.40
N TYR B 91 -6.46 -0.05 28.38
CA TYR B 91 -5.60 0.35 29.47
C TYR B 91 -6.39 0.77 30.70
N ASP B 92 -7.68 1.09 30.54
CA ASP B 92 -8.56 1.39 31.66
C ASP B 92 -8.80 0.14 32.48
N VAL B 93 -9.16 -0.95 31.79
CA VAL B 93 -9.32 -2.23 32.46
C VAL B 93 -7.98 -2.71 33.01
N ALA B 94 -6.89 -2.56 32.24
CA ALA B 94 -5.53 -2.90 32.67
C ALA B 94 -5.15 -2.21 33.99
N GLY B 95 -5.44 -0.90 34.09
CA GLY B 95 -5.12 -0.11 35.26
C GLY B 95 -5.96 -0.51 36.47
N ASP B 96 -7.22 -0.88 36.22
CA ASP B 96 -8.14 -1.32 37.27
C ASP B 96 -7.67 -2.66 37.84
N LEU B 97 -6.95 -3.42 37.00
CA LEU B 97 -6.52 -4.76 37.36
C LEU B 97 -5.16 -4.70 38.03
N LEU B 98 -4.22 -3.94 37.45
CA LEU B 98 -2.82 -4.02 37.86
C LEU B 98 -2.53 -3.13 39.06
N GLY B 99 -3.29 -2.05 39.25
CA GLY B 99 -3.05 -1.07 40.31
C GLY B 99 -3.01 -1.70 41.70
N PRO B 100 -4.02 -2.50 42.07
CA PRO B 100 -3.96 -3.29 43.30
C PRO B 100 -2.82 -4.29 43.45
N LEU B 101 -2.26 -4.77 42.33
CA LEU B 101 -1.21 -5.78 42.35
C LEU B 101 0.17 -5.14 42.32
N ALA B 102 0.22 -3.81 42.39
CA ALA B 102 1.48 -3.10 42.43
C ALA B 102 2.47 -3.76 43.39
N GLY B 103 2.08 -3.91 44.67
CA GLY B 103 2.89 -4.59 45.67
C GLY B 103 3.43 -5.93 45.17
N GLU B 104 2.55 -6.71 44.54
CA GLU B 104 2.86 -8.09 44.15
C GLU B 104 3.78 -8.10 42.93
N LEU B 105 3.60 -7.13 42.04
CA LEU B 105 4.32 -7.09 40.78
C LEU B 105 5.73 -6.56 40.98
N ALA B 106 5.93 -5.76 42.04
CA ALA B 106 7.24 -5.22 42.37
C ALA B 106 8.28 -6.34 42.41
N GLY B 107 9.39 -6.13 41.70
CA GLY B 107 10.47 -7.10 41.60
C GLY B 107 10.40 -7.93 40.31
N ARG B 108 9.20 -8.01 39.72
CA ARG B 108 8.95 -8.85 38.55
C ARG B 108 8.97 -8.04 37.26
N ALA B 109 8.94 -8.79 36.14
CA ALA B 109 8.85 -8.23 34.80
C ALA B 109 7.39 -8.25 34.35
N LEU B 110 6.93 -7.15 33.76
CA LEU B 110 5.56 -7.04 33.26
C LEU B 110 5.63 -6.71 31.78
N ILE B 111 4.98 -7.54 30.95
CA ILE B 111 4.89 -7.30 29.52
C ILE B 111 3.41 -7.05 29.17
N ASN B 112 3.11 -5.84 28.68
CA ASN B 112 1.73 -5.39 28.47
C ASN B 112 1.40 -5.36 26.98
N LEU B 113 0.68 -6.39 26.50
CA LEU B 113 0.37 -6.51 25.08
C LEU B 113 -1.06 -6.05 24.80
N THR B 114 -1.62 -5.25 25.73
CA THR B 114 -2.88 -4.56 25.53
C THR B 114 -2.69 -3.48 24.46
N SER B 115 -3.71 -3.29 23.61
CA SER B 115 -3.68 -2.25 22.60
C SER B 115 -4.11 -0.92 23.18
N GLY B 116 -3.46 0.16 22.76
CA GLY B 116 -3.84 1.48 23.24
C GLY B 116 -2.99 2.58 22.64
N SER B 117 -2.99 3.74 23.30
CA SER B 117 -2.36 4.93 22.78
C SER B 117 -0.94 4.98 23.29
N PRO B 118 -0.05 5.79 22.65
CA PRO B 118 1.27 6.05 23.20
C PRO B 118 1.20 6.61 24.62
N GLU B 119 0.22 7.49 24.85
CA GLU B 119 0.09 8.11 26.15
C GLU B 119 -0.30 7.09 27.21
N GLN B 120 -1.22 6.19 26.89
CA GLN B 120 -1.61 5.16 27.83
C GLN B 120 -0.40 4.31 28.21
N ALA B 121 0.43 3.97 27.24
CA ALA B 121 1.59 3.12 27.48
C ALA B 121 2.65 3.86 28.30
N ARG B 122 2.78 5.18 28.09
CA ARG B 122 3.73 5.99 28.84
C ARG B 122 3.25 6.13 30.29
N ARG B 123 1.93 6.22 30.47
CA ARG B 123 1.35 6.22 31.80
C ARG B 123 1.68 4.94 32.54
N SER B 124 1.51 3.78 31.88
CA SER B 124 1.74 2.48 32.50
C SER B 124 3.20 2.31 32.88
N ALA B 125 4.10 2.83 32.02
CA ALA B 125 5.54 2.72 32.21
C ALA B 125 5.99 3.52 33.43
N ASP B 126 5.37 4.69 33.63
CA ASP B 126 5.75 5.63 34.69
C ASP B 126 5.29 5.06 36.04
N TRP B 127 4.08 4.47 36.08
CA TRP B 127 3.58 3.75 37.24
C TRP B 127 4.51 2.59 37.59
N ALA B 128 4.83 1.78 36.57
CA ALA B 128 5.68 0.62 36.73
C ALA B 128 7.05 0.98 37.30
N ALA B 129 7.65 2.09 36.84
CA ALA B 129 8.94 2.53 37.34
C ALA B 129 8.83 2.93 38.82
N GLU B 130 7.69 3.52 39.19
CA GLU B 130 7.47 3.99 40.55
C GLU B 130 7.55 2.83 41.54
N HIS B 131 7.09 1.64 41.15
CA HIS B 131 7.01 0.49 42.03
C HIS B 131 8.14 -0.52 41.74
N GLY B 132 9.08 -0.16 40.87
CA GLY B 132 10.19 -1.05 40.55
C GLY B 132 9.74 -2.31 39.80
N ILE B 133 8.84 -2.11 38.84
CA ILE B 133 8.36 -3.17 37.98
C ILE B 133 9.01 -3.01 36.62
N ASP B 134 9.98 -3.85 36.27
CA ASP B 134 10.53 -3.82 34.93
C ASP B 134 9.38 -3.98 33.93
N TYR B 135 9.31 -3.10 32.91
CA TYR B 135 8.11 -2.96 32.08
C TYR B 135 8.50 -2.95 30.60
N LEU B 136 7.83 -3.84 29.84
CA LEU B 136 7.89 -3.84 28.39
C LEU B 136 6.45 -3.75 27.88
N ASP B 137 6.18 -2.72 27.07
CA ASP B 137 4.90 -2.55 26.37
C ASP B 137 5.03 -3.08 24.94
N GLY B 138 4.02 -3.76 24.45
CA GLY B 138 4.06 -4.27 23.10
C GLY B 138 2.74 -4.04 22.39
N THR B 139 2.71 -4.38 21.11
CA THR B 139 1.49 -4.28 20.34
C THR B 139 1.53 -5.41 19.30
N ILE B 140 0.52 -6.29 19.36
CA ILE B 140 0.47 -7.41 18.45
C ILE B 140 -0.11 -6.98 17.10
N MET B 141 0.52 -7.39 16.00
CA MET B 141 0.09 -6.92 14.69
C MET B 141 -0.37 -8.09 13.84
N THR B 142 -1.19 -8.93 14.46
CA THR B 142 -1.78 -10.08 13.82
C THR B 142 -3.05 -10.40 14.58
N GLN B 143 -3.73 -11.46 14.17
CA GLN B 143 -4.88 -11.94 14.92
C GLN B 143 -4.42 -13.07 15.83
N PRO B 144 -5.22 -13.46 16.85
CA PRO B 144 -4.88 -14.60 17.70
C PRO B 144 -4.30 -15.77 16.94
N GLN B 145 -4.91 -16.08 15.78
CA GLN B 145 -4.57 -17.24 14.98
C GLN B 145 -3.12 -17.20 14.54
N GLY B 146 -2.56 -16.00 14.41
CA GLY B 146 -1.20 -15.82 13.92
C GLY B 146 -0.16 -15.67 15.03
N ILE B 147 -0.57 -15.82 16.28
CA ILE B 147 0.39 -15.90 17.38
C ILE B 147 1.19 -17.19 17.20
N GLY B 148 2.52 -17.12 17.33
CA GLY B 148 3.35 -18.30 17.27
C GLY B 148 3.75 -18.67 15.85
N GLN B 149 3.20 -17.96 14.84
CA GLN B 149 3.67 -18.02 13.47
C GLN B 149 4.86 -17.07 13.35
N PRO B 150 6.04 -17.47 12.84
CA PRO B 150 7.05 -16.47 12.47
C PRO B 150 6.43 -15.62 11.35
N GLY B 151 6.85 -14.36 11.26
CA GLY B 151 6.28 -13.48 10.26
C GLY B 151 5.12 -12.65 10.81
N SER B 152 4.47 -13.14 11.87
CA SER B 152 3.62 -12.31 12.71
C SER B 152 4.50 -11.34 13.50
N VAL B 153 4.12 -10.06 13.46
CA VAL B 153 4.99 -8.98 13.90
C VAL B 153 4.50 -8.51 15.26
N LEU B 154 5.45 -8.28 16.17
CA LEU B 154 5.24 -7.65 17.47
C LEU B 154 6.14 -6.44 17.61
N LEU B 155 5.54 -5.31 18.00
CA LEU B 155 6.30 -4.14 18.35
C LEU B 155 6.46 -4.09 19.86
N LEU B 156 7.72 -3.94 20.31
CA LEU B 156 8.10 -3.88 21.72
C LEU B 156 8.84 -2.57 21.98
N SER B 157 8.52 -1.91 23.09
CA SER B 157 9.16 -0.66 23.46
C SER B 157 9.15 -0.54 24.98
N GLY B 158 10.21 0.01 25.59
CA GLY B 158 10.33 0.01 27.04
C GLY B 158 11.63 -0.62 27.50
N SER B 159 11.59 -1.48 28.53
CA SER B 159 12.79 -1.97 29.20
C SER B 159 13.66 -2.81 28.28
N ALA B 160 14.88 -2.33 28.01
CA ALA B 160 15.85 -3.08 27.23
C ALA B 160 16.18 -4.37 27.96
N GLU B 161 16.18 -4.29 29.30
CA GLU B 161 16.49 -5.44 30.15
C GLU B 161 15.55 -6.61 29.85
N VAL B 162 14.23 -6.35 29.92
CA VAL B 162 13.20 -7.37 29.76
C VAL B 162 13.29 -7.95 28.35
N HIS B 163 13.56 -7.08 27.38
CA HIS B 163 13.54 -7.52 26.01
C HIS B 163 14.64 -8.56 25.82
N SER B 164 15.86 -8.25 26.26
CA SER B 164 16.93 -9.17 25.97
C SER B 164 16.82 -10.38 26.90
N GLY B 165 16.38 -10.18 28.15
CA GLY B 165 16.26 -11.25 29.13
C GLY B 165 15.19 -12.29 28.80
N ARG B 166 14.10 -11.88 28.12
CA ARG B 166 12.98 -12.72 27.72
C ARG B 166 12.80 -12.74 26.19
N LYS B 167 13.89 -12.50 25.45
CA LYS B 167 13.87 -12.53 23.99
C LYS B 167 13.23 -13.85 23.53
N ALA B 168 13.72 -14.97 24.07
CA ALA B 168 13.29 -16.32 23.69
C ALA B 168 11.79 -16.51 23.90
N LEU B 169 11.22 -15.65 24.75
CA LEU B 169 9.83 -15.74 25.17
C LEU B 169 8.96 -15.02 24.17
N ILE B 170 9.34 -13.77 23.91
CA ILE B 170 8.71 -12.90 22.93
C ILE B 170 8.80 -13.55 21.55
N GLU B 171 9.88 -14.28 21.27
CA GLU B 171 10.07 -14.95 19.99
C GLU B 171 9.12 -16.13 19.79
N LEU B 172 8.44 -16.59 20.87
CA LEU B 172 7.36 -17.57 20.76
C LEU B 172 6.15 -17.00 20.02
N TRP B 173 5.89 -15.71 20.23
CA TRP B 173 4.64 -15.13 19.77
C TRP B 173 4.78 -14.66 18.33
N GLY B 174 6.03 -14.50 17.89
CA GLY B 174 6.34 -14.13 16.51
C GLY B 174 7.66 -13.36 16.42
N ASP B 175 7.65 -12.32 15.58
CA ASP B 175 8.86 -11.60 15.23
C ASP B 175 8.91 -10.31 16.03
N GLY B 176 9.88 -10.25 16.94
CA GLY B 176 10.06 -9.10 17.82
C GLY B 176 10.86 -7.99 17.14
N ASP B 177 10.26 -6.80 17.15
CA ASP B 177 10.92 -5.57 16.74
C ASP B 177 11.00 -4.66 17.98
N TYR B 178 12.18 -4.58 18.59
CA TYR B 178 12.39 -3.72 19.74
C TYR B 178 12.74 -2.33 19.23
N LEU B 179 11.95 -1.32 19.65
CA LEU B 179 11.94 0.01 19.05
C LEU B 179 12.72 1.04 19.87
N GLY B 180 12.95 0.75 21.16
CA GLY B 180 13.61 1.69 22.05
C GLY B 180 12.99 1.76 23.45
N ALA B 181 13.42 2.78 24.22
CA ALA B 181 13.12 2.84 25.64
C ALA B 181 11.76 3.45 25.93
N ASP B 182 11.31 4.41 25.10
CA ASP B 182 9.99 5.04 25.22
C ASP B 182 8.89 4.00 25.02
N ALA B 183 8.03 3.83 26.04
CA ALA B 183 7.03 2.77 26.06
C ALA B 183 5.92 3.00 25.04
N GLY B 184 5.72 4.28 24.66
CA GLY B 184 4.68 4.64 23.73
C GLY B 184 5.07 4.39 22.27
N LEU B 185 6.32 4.02 22.02
CA LEU B 185 6.78 3.85 20.65
C LEU B 185 6.05 2.67 19.98
N SER B 186 5.87 1.57 20.71
CA SER B 186 5.25 0.40 20.12
C SER B 186 3.90 0.78 19.56
N ALA B 187 3.15 1.64 20.27
CA ALA B 187 1.81 1.98 19.85
C ALA B 187 1.85 3.00 18.70
N LEU B 188 2.86 3.88 18.76
CA LEU B 188 3.04 4.91 17.76
C LEU B 188 3.31 4.27 16.40
N TYR B 189 4.29 3.36 16.34
CA TYR B 189 4.59 2.66 15.10
C TYR B 189 3.42 1.78 14.67
N ASP B 190 2.77 1.09 15.61
CA ASP B 190 1.62 0.25 15.26
C ASP B 190 0.66 1.09 14.44
N LEU B 191 0.25 2.22 14.99
CA LEU B 191 -0.73 3.05 14.33
C LEU B 191 -0.22 3.54 12.96
N ALA B 192 1.04 3.95 12.86
CA ALA B 192 1.56 4.42 11.58
C ALA B 192 1.49 3.32 10.53
N LEU B 193 1.93 2.10 10.89
CA LEU B 193 1.94 0.96 9.99
C LEU B 193 0.50 0.53 9.64
N LEU B 194 -0.44 0.62 10.60
CA LEU B 194 -1.83 0.25 10.37
C LEU B 194 -2.47 1.20 9.37
N GLY B 195 -2.07 2.47 9.45
CA GLY B 195 -2.43 3.46 8.46
C GLY B 195 -2.15 3.01 7.04
N VAL B 196 -1.00 2.33 6.84
CA VAL B 196 -0.54 1.92 5.53
C VAL B 196 -1.34 0.71 5.05
N MET B 197 -1.77 -0.12 5.98
CA MET B 197 -2.55 -1.30 5.65
C MET B 197 -3.98 -0.89 5.27
N TRP B 198 -4.54 0.05 6.05
CA TRP B 198 -5.87 0.57 5.76
C TRP B 198 -5.90 1.22 4.39
N SER B 199 -4.89 2.07 4.10
CA SER B 199 -4.73 2.77 2.84
C SER B 199 -4.68 1.83 1.63
N THR B 200 -3.79 0.84 1.70
CA THR B 200 -3.58 -0.10 0.60
C THR B 200 -4.83 -0.95 0.37
N ILE B 201 -5.56 -1.28 1.44
CA ILE B 201 -6.77 -2.09 1.30
C ILE B 201 -7.89 -1.25 0.70
N ALA B 202 -8.10 -0.03 1.22
CA ALA B 202 -9.06 0.91 0.67
C ALA B 202 -8.85 1.06 -0.84
N SER B 203 -7.61 1.39 -1.25
CA SER B 203 -7.29 1.72 -2.62
C SER B 203 -7.39 0.50 -3.52
N PHE B 204 -7.03 -0.67 -3.00
CA PHE B 204 -7.09 -1.89 -3.78
C PHE B 204 -8.54 -2.26 -4.07
N LEU B 205 -9.44 -2.06 -3.11
CA LEU B 205 -10.83 -2.39 -3.32
C LEU B 205 -11.49 -1.33 -4.22
N HIS B 206 -11.06 -0.07 -4.11
CA HIS B 206 -11.49 0.95 -5.05
C HIS B 206 -11.15 0.50 -6.46
N GLY B 207 -9.91 0.05 -6.67
CA GLY B 207 -9.49 -0.49 -7.96
C GLY B 207 -10.27 -1.74 -8.37
N ALA B 208 -10.55 -2.62 -7.41
CA ALA B 208 -11.33 -3.82 -7.68
C ALA B 208 -12.73 -3.44 -8.18
N ALA B 209 -13.33 -2.39 -7.61
CA ALA B 209 -14.71 -2.06 -7.92
C ALA B 209 -14.75 -1.35 -9.29
N LEU B 210 -13.74 -0.50 -9.51
CA LEU B 210 -13.54 0.14 -10.80
C LEU B 210 -13.42 -0.92 -11.89
N LEU B 211 -12.63 -1.97 -11.67
CA LEU B 211 -12.42 -2.95 -12.72
C LEU B 211 -13.62 -3.89 -12.85
N GLY B 212 -14.41 -3.99 -11.79
CA GLY B 212 -15.61 -4.80 -11.83
C GLY B 212 -16.68 -4.22 -12.77
N THR B 213 -16.61 -2.93 -13.09
CA THR B 213 -17.54 -2.33 -14.05
C THR B 213 -17.30 -2.90 -15.46
N GLU B 214 -16.15 -3.57 -15.68
CA GLU B 214 -15.85 -4.26 -16.93
C GLU B 214 -15.69 -5.77 -16.72
N ASP B 215 -16.30 -6.30 -15.63
CA ASP B 215 -16.43 -7.72 -15.33
C ASP B 215 -15.09 -8.38 -14.99
N VAL B 216 -14.18 -7.58 -14.43
CA VAL B 216 -12.90 -8.08 -13.94
C VAL B 216 -13.02 -8.27 -12.44
N THR B 217 -12.84 -9.49 -11.95
CA THR B 217 -12.97 -9.77 -10.53
C THR B 217 -11.76 -9.25 -9.76
N ALA B 218 -11.94 -9.13 -8.44
CA ALA B 218 -10.86 -8.75 -7.54
C ALA B 218 -9.73 -9.76 -7.61
N GLN B 219 -10.05 -11.04 -7.77
CA GLN B 219 -9.03 -12.09 -7.82
C GLN B 219 -8.24 -12.03 -9.13
N GLN B 220 -8.82 -11.48 -10.19
CA GLN B 220 -8.09 -11.28 -11.43
C GLN B 220 -7.17 -10.07 -11.30
N PHE B 221 -7.64 -9.04 -10.60
CA PHE B 221 -6.90 -7.79 -10.46
C PHE B 221 -5.66 -7.98 -9.58
N LEU B 222 -5.78 -8.85 -8.57
CA LEU B 222 -4.83 -8.96 -7.46
C LEU B 222 -3.39 -9.17 -7.94
N PRO B 223 -3.10 -10.07 -8.91
CA PRO B 223 -1.72 -10.22 -9.36
C PRO B 223 -1.09 -8.94 -9.91
N LYS B 224 -1.91 -8.11 -10.54
CA LYS B 224 -1.41 -6.88 -11.12
C LYS B 224 -1.06 -5.90 -10.01
N VAL B 225 -1.83 -5.92 -8.93
CA VAL B 225 -1.55 -5.06 -7.78
C VAL B 225 -0.30 -5.54 -7.06
N GLU B 226 -0.23 -6.83 -6.77
CA GLU B 226 0.89 -7.40 -6.04
C GLU B 226 2.20 -7.06 -6.76
N ARG B 227 2.21 -7.10 -8.09
CA ARG B 227 3.39 -6.71 -8.85
C ARG B 227 3.65 -5.21 -8.68
N TRP B 228 2.63 -4.39 -8.88
CA TRP B 228 2.79 -2.95 -8.80
C TRP B 228 3.26 -2.55 -7.39
N LEU B 229 2.81 -3.28 -6.36
CA LEU B 229 3.22 -2.99 -4.99
C LEU B 229 4.73 -3.05 -4.84
N GLY B 230 5.35 -3.98 -5.56
CA GLY B 230 6.80 -4.09 -5.56
C GLY B 230 7.44 -2.81 -6.09
N ALA B 231 6.95 -2.34 -7.25
CA ALA B 231 7.40 -1.10 -7.84
C ALA B 231 7.13 0.08 -6.89
N VAL B 232 6.01 0.05 -6.17
CA VAL B 232 5.67 1.15 -5.28
C VAL B 232 6.63 1.19 -4.10
N ALA B 233 7.02 0.02 -3.58
CA ALA B 233 7.92 -0.04 -2.43
C ALA B 233 9.28 0.55 -2.81
N SER B 234 9.68 0.36 -4.07
CA SER B 234 10.97 0.81 -4.55
C SER B 234 11.00 2.33 -4.75
N PHE B 235 9.86 3.00 -4.69
CA PHE B 235 9.84 4.45 -4.78
C PHE B 235 10.08 5.12 -3.43
N LEU B 236 9.82 4.41 -2.34
CA LEU B 236 9.79 5.02 -1.03
C LEU B 236 11.20 5.41 -0.60
N PRO B 237 12.28 4.61 -0.83
CA PRO B 237 13.61 5.03 -0.37
C PRO B 237 13.92 6.45 -0.82
N GLY B 238 13.62 6.74 -2.08
CA GLY B 238 13.86 8.06 -2.66
C GLY B 238 12.96 9.12 -2.04
N ILE B 239 11.70 8.76 -1.80
CA ILE B 239 10.72 9.65 -1.19
C ILE B 239 11.08 9.90 0.28
N ALA B 240 11.51 8.84 0.97
CA ALA B 240 12.05 8.93 2.33
C ALA B 240 13.21 9.93 2.41
N ALA B 241 14.19 9.82 1.50
CA ALA B 241 15.37 10.68 1.46
C ALA B 241 14.99 12.14 1.28
N GLN B 242 14.13 12.42 0.29
CA GLN B 242 13.60 13.76 0.08
C GLN B 242 12.82 14.26 1.29
N ALA B 243 12.05 13.37 1.94
CA ALA B 243 11.21 13.75 3.05
C ALA B 243 12.09 14.25 4.19
N ASP B 244 13.22 13.58 4.36
CA ASP B 244 14.15 13.90 5.42
C ASP B 244 14.90 15.18 5.07
N SER B 245 15.33 15.35 3.82
CA SER B 245 16.24 16.43 3.44
C SER B 245 15.50 17.77 3.35
N GLY B 246 14.21 17.75 3.00
CA GLY B 246 13.47 18.97 2.74
C GLY B 246 13.46 19.35 1.26
N ASP B 247 14.17 18.58 0.41
CA ASP B 247 14.43 18.97 -0.96
C ASP B 247 13.57 18.17 -1.92
N TYR B 248 12.44 18.81 -2.26
CA TYR B 248 11.29 18.13 -2.82
C TYR B 248 11.35 18.15 -4.36
N ALA B 249 12.24 18.98 -4.94
CA ALA B 249 12.31 19.15 -6.38
C ALA B 249 12.67 17.82 -7.05
N THR B 250 11.92 17.47 -8.09
CA THR B 250 12.03 16.14 -8.68
C THR B 250 12.21 16.27 -10.18
N ASP B 251 12.53 15.16 -10.86
CA ASP B 251 12.33 15.03 -12.29
C ASP B 251 11.25 13.98 -12.57
N HIS B 252 10.94 13.14 -11.58
CA HIS B 252 9.94 12.08 -11.70
C HIS B 252 9.04 12.03 -10.48
N GLY B 253 7.73 11.91 -10.73
CA GLY B 253 6.72 12.11 -9.72
C GLY B 253 6.38 13.59 -9.52
N GLY B 254 6.26 14.36 -10.62
CA GLY B 254 5.89 15.77 -10.55
C GLY B 254 4.52 15.97 -9.89
N LEU B 255 4.46 16.79 -8.84
CA LEU B 255 3.26 16.86 -8.03
C LEU B 255 2.10 17.26 -8.92
N ASP B 256 2.33 18.23 -9.82
CA ASP B 256 1.28 18.78 -10.67
C ASP B 256 0.64 17.68 -11.53
N ILE B 257 1.46 16.90 -12.23
CA ILE B 257 0.90 15.94 -13.15
C ILE B 257 0.22 14.81 -12.38
N ASN B 258 0.67 14.56 -11.14
CA ASN B 258 0.03 13.56 -10.29
C ASN B 258 -1.32 14.06 -9.78
N VAL B 259 -1.42 15.34 -9.44
CA VAL B 259 -2.72 15.87 -9.07
C VAL B 259 -3.70 15.66 -10.21
N ALA B 260 -3.25 15.88 -11.45
CA ALA B 260 -4.12 15.67 -12.60
C ALA B 260 -4.44 14.19 -12.82
N GLY B 261 -3.44 13.32 -12.61
CA GLY B 261 -3.67 11.88 -12.57
C GLY B 261 -4.80 11.50 -11.62
N LEU B 262 -4.78 12.08 -10.43
CA LEU B 262 -5.79 11.79 -9.43
C LEU B 262 -7.15 12.31 -9.89
N ASP B 263 -7.20 13.53 -10.41
CA ASP B 263 -8.47 14.02 -10.93
C ASP B 263 -8.96 13.13 -12.07
N LEU B 264 -8.04 12.70 -12.92
CA LEU B 264 -8.45 11.82 -13.99
C LEU B 264 -9.07 10.57 -13.39
N LEU B 265 -8.51 10.02 -12.30
CA LEU B 265 -9.00 8.74 -11.78
C LEU B 265 -10.37 8.89 -11.13
N ALA B 266 -10.60 10.02 -10.46
CA ALA B 266 -11.89 10.31 -9.86
C ALA B 266 -12.98 10.33 -10.93
N ARG B 267 -12.69 11.02 -12.04
CA ARG B 267 -13.66 11.26 -13.09
C ARG B 267 -13.96 9.98 -13.88
N VAL B 268 -12.93 9.19 -14.18
CA VAL B 268 -13.12 7.90 -14.82
C VAL B 268 -13.93 7.01 -13.90
N SER B 269 -13.69 7.15 -12.59
CA SER B 269 -14.48 6.40 -11.64
C SER B 269 -15.96 6.71 -11.80
N ARG B 270 -16.44 7.97 -11.74
CA ARG B 270 -17.88 8.18 -11.85
C ARG B 270 -18.35 7.84 -13.28
N ALA B 271 -17.47 7.94 -14.28
CA ALA B 271 -17.85 7.60 -15.64
C ALA B 271 -18.18 6.11 -15.78
N GLN B 272 -17.37 5.23 -15.17
CA GLN B 272 -17.54 3.78 -15.25
C GLN B 272 -18.60 3.34 -14.24
N GLY B 273 -18.91 4.22 -13.29
CA GLY B 273 -20.18 4.20 -12.57
C GLY B 273 -20.06 3.63 -11.16
N ILE B 274 -19.06 4.11 -10.40
CA ILE B 274 -18.86 3.76 -9.00
C ILE B 274 -18.61 5.04 -8.19
N GLY B 275 -18.37 4.90 -6.87
CA GLY B 275 -18.08 6.03 -6.01
C GLY B 275 -16.70 6.62 -6.26
N THR B 276 -16.43 7.82 -5.73
CA THR B 276 -15.16 8.49 -5.97
C THR B 276 -14.48 8.89 -4.66
N ASP B 277 -14.98 8.39 -3.54
CA ASP B 277 -14.58 8.95 -2.26
C ASP B 277 -13.08 8.78 -2.02
N VAL B 278 -12.48 7.68 -2.51
CA VAL B 278 -11.07 7.39 -2.29
C VAL B 278 -10.20 8.34 -3.10
N PRO B 279 -10.31 8.38 -4.45
CA PRO B 279 -9.52 9.32 -5.26
C PRO B 279 -9.73 10.78 -4.88
N ALA B 280 -10.96 11.14 -4.51
CA ALA B 280 -11.33 12.51 -4.20
C ALA B 280 -10.62 12.98 -2.95
N ALA B 281 -10.56 12.10 -1.94
CA ALA B 281 -9.89 12.40 -0.68
C ALA B 281 -8.39 12.60 -0.91
N LEU B 282 -7.81 11.79 -1.80
CA LEU B 282 -6.41 11.94 -2.12
C LEU B 282 -6.19 13.18 -2.98
N HIS B 283 -7.05 13.38 -4.00
CA HIS B 283 -6.94 14.54 -4.87
C HIS B 283 -6.82 15.80 -4.01
N GLU B 284 -7.73 15.91 -3.03
CA GLU B 284 -7.79 17.06 -2.14
C GLU B 284 -6.44 17.27 -1.47
N LEU B 285 -5.85 16.19 -0.94
CA LEU B 285 -4.67 16.32 -0.11
C LEU B 285 -3.48 16.76 -0.97
N TYR B 286 -3.26 16.07 -2.10
CA TYR B 286 -2.11 16.37 -2.93
C TYR B 286 -2.26 17.78 -3.52
N ALA B 287 -3.46 18.07 -3.99
CA ALA B 287 -3.73 19.34 -4.64
C ALA B 287 -3.61 20.49 -3.64
N ARG B 288 -3.80 20.21 -2.35
CA ARG B 288 -3.66 21.24 -1.33
C ARG B 288 -2.20 21.58 -1.18
N ARG B 289 -1.32 20.58 -1.33
CA ARG B 289 0.10 20.83 -1.27
C ARG B 289 0.58 21.52 -2.55
N LEU B 290 0.02 21.17 -3.71
CA LEU B 290 0.40 21.84 -4.95
C LEU B 290 0.00 23.32 -4.88
N ALA B 291 -1.05 23.63 -4.10
CA ALA B 291 -1.61 24.96 -4.06
C ALA B 291 -0.80 25.88 -3.13
N GLN B 292 0.15 25.34 -2.34
CA GLN B 292 0.95 26.20 -1.46
C GLN B 292 2.43 25.82 -1.50
N GLY B 293 2.85 24.92 -2.40
CA GLY B 293 4.24 24.54 -2.55
C GLY B 293 4.88 25.20 -3.78
N SER B 294 5.25 24.37 -4.77
CA SER B 294 5.94 24.74 -6.00
C SER B 294 5.58 23.74 -7.09
N ALA B 295 5.43 24.19 -8.35
CA ALA B 295 5.02 23.25 -9.41
C ALA B 295 6.05 22.13 -9.50
N ASN B 296 7.26 22.53 -9.11
CA ASN B 296 8.49 21.76 -9.16
C ASN B 296 8.51 20.62 -8.15
N ASP B 297 7.68 20.73 -7.11
CA ASP B 297 7.62 19.74 -6.04
C ASP B 297 7.44 18.31 -6.55
N GLY B 298 7.95 17.37 -5.74
CA GLY B 298 7.59 15.96 -5.87
C GLY B 298 6.72 15.49 -4.70
N LEU B 299 6.30 14.23 -4.74
CA LEU B 299 5.29 13.73 -3.83
C LEU B 299 5.77 13.81 -2.39
N ALA B 300 7.09 13.79 -2.15
CA ALA B 300 7.61 13.80 -0.80
C ALA B 300 7.14 15.05 -0.06
N SER B 301 6.86 16.11 -0.82
CA SER B 301 6.46 17.37 -0.24
C SER B 301 5.17 17.26 0.59
N LEU B 302 4.34 16.24 0.35
CA LEU B 302 3.11 16.05 1.11
C LEU B 302 3.36 16.11 2.61
N ILE B 303 4.54 15.65 3.03
CA ILE B 303 4.84 15.53 4.45
C ILE B 303 4.82 16.89 5.12
N ASP B 304 5.13 17.95 4.39
CA ASP B 304 5.13 19.30 4.93
C ASP B 304 3.70 19.73 5.22
N THR B 305 2.75 19.28 4.38
CA THR B 305 1.34 19.63 4.48
C THR B 305 0.65 18.85 5.60
N ILE B 306 1.03 17.57 5.77
CA ILE B 306 0.49 16.74 6.84
C ILE B 306 0.95 17.26 8.20
N ARG B 307 2.15 17.84 8.27
CA ARG B 307 2.65 18.42 9.51
C ARG B 307 1.79 19.61 9.94
N ARG B 308 1.18 20.34 8.99
CA ARG B 308 0.19 21.37 9.30
C ARG B 308 -1.19 21.00 8.70
#